data_5F8W
#
_entry.id   5F8W
#
_cell.length_a   53.260
_cell.length_b   72.542
_cell.length_c   94.622
_cell.angle_alpha   90.00
_cell.angle_beta   90.00
_cell.angle_gamma   90.00
#
_symmetry.space_group_name_H-M   'P 21 21 21'
#
loop_
_entity.id
_entity.type
_entity.pdbx_description
1 polymer 'GalNAc/Gal-specific lectin'
2 non-polymer beta-D-galactopyranose
3 non-polymer alpha-D-galactopyranose
4 non-polymer GLYCEROL
5 water water
#
_entity_poly.entity_id   1
_entity_poly.type   'polypeptide(L)'
_entity_poly.pdbx_seq_one_letter_code
;MTTFLIKHKASGKFLHPYGGSSNPANNTKLVLHSDIHERMYFQFDVVDERWGYIKHVASGKIVHPYGGQANPPNETNMVL
HQDRHDRALFAMDFFNDNIMHKGGKYIHPKGGSPNPPNNTETVIHGDKHAAMEFIFVSPKNKDKRVLVYAHHHHHH
;
_entity_poly.pdbx_strand_id   A,B
#
# COMPACT_ATOMS: atom_id res chain seq x y z
N THR A 2 -13.35 -5.94 0.31
CA THR A 2 -13.84 -4.60 0.73
C THR A 2 -14.35 -3.86 -0.50
N THR A 3 -15.58 -3.36 -0.44
CA THR A 3 -16.15 -2.61 -1.55
C THR A 3 -15.81 -1.15 -1.37
N PHE A 4 -15.51 -0.47 -2.47
CA PHE A 4 -15.09 0.93 -2.41
C PHE A 4 -15.49 1.70 -3.66
N LEU A 5 -15.48 3.02 -3.52
CA LEU A 5 -15.60 3.92 -4.65
C LEU A 5 -14.21 4.37 -5.05
N ILE A 6 -13.99 4.50 -6.36
CA ILE A 6 -12.73 5.04 -6.87
C ILE A 6 -12.94 6.52 -7.14
N LYS A 7 -12.36 7.36 -6.29
CA LYS A 7 -12.63 8.80 -6.31
C LYS A 7 -11.44 9.56 -6.87
N HIS A 8 -11.69 10.28 -7.96
CA HIS A 8 -10.70 11.18 -8.52
C HIS A 8 -10.44 12.29 -7.50
N LYS A 9 -9.20 12.38 -7.04
CA LYS A 9 -8.90 13.20 -5.87
C LYS A 9 -9.15 14.69 -6.12
N ALA A 10 -8.76 15.16 -7.30
CA ALA A 10 -8.83 16.60 -7.58
C ALA A 10 -10.26 17.10 -7.72
N SER A 11 -11.12 16.27 -8.32
CA SER A 11 -12.51 16.70 -8.65
C SER A 11 -13.60 16.17 -7.73
N GLY A 12 -13.31 15.06 -7.04
CA GLY A 12 -14.31 14.34 -6.30
C GLY A 12 -15.27 13.50 -7.12
N LYS A 13 -15.08 13.42 -8.44
CA LYS A 13 -15.89 12.52 -9.24
C LYS A 13 -15.39 11.09 -9.08
N PHE A 14 -16.18 10.14 -9.55
CA PHE A 14 -15.91 8.71 -9.34
C PHE A 14 -15.79 7.96 -10.65
N LEU A 15 -15.06 6.86 -10.62
CA LEU A 15 -15.00 5.97 -11.77
C LEU A 15 -16.32 5.21 -11.93
N HIS A 16 -16.87 5.24 -13.15
CA HIS A 16 -18.12 4.57 -13.53
C HIS A 16 -17.93 3.85 -14.87
N PRO A 17 -18.67 2.76 -15.10
CA PRO A 17 -18.87 2.38 -16.50
C PRO A 17 -19.73 3.43 -17.18
N TYR A 18 -19.40 3.79 -18.42
CA TYR A 18 -20.21 4.76 -19.14
C TYR A 18 -21.62 4.24 -19.29
N GLY A 19 -22.60 5.01 -18.82
CA GLY A 19 -23.99 4.60 -18.81
C GLY A 19 -24.46 3.97 -17.51
N GLY A 20 -23.51 3.58 -16.65
CA GLY A 20 -23.89 3.08 -15.32
C GLY A 20 -24.56 1.72 -15.26
N SER A 21 -24.34 0.88 -16.27
CA SER A 21 -25.05 -0.40 -16.33
C SER A 21 -24.66 -1.37 -15.23
N SER A 22 -25.63 -2.13 -14.76
CA SER A 22 -25.35 -3.26 -13.86
C SER A 22 -24.67 -4.42 -14.59
N ASN A 23 -24.75 -4.45 -15.92
CA ASN A 23 -24.03 -5.45 -16.73
C ASN A 23 -23.49 -4.83 -18.00
N PRO A 24 -22.43 -4.03 -17.86
CA PRO A 24 -21.87 -3.37 -19.04
C PRO A 24 -21.32 -4.39 -20.02
N ALA A 25 -21.56 -4.15 -21.31
CA ALA A 25 -20.96 -4.98 -22.32
C ALA A 25 -19.42 -4.91 -22.25
N ASN A 26 -18.76 -5.98 -22.67
CA ASN A 26 -17.32 -5.92 -22.84
C ASN A 26 -16.92 -4.70 -23.67
N ASN A 27 -15.84 -4.07 -23.22
CA ASN A 27 -15.24 -2.88 -23.84
C ASN A 27 -16.01 -1.58 -23.61
N THR A 28 -16.94 -1.60 -22.65
CA THR A 28 -17.56 -0.37 -22.20
C THR A 28 -16.51 0.51 -21.56
N LYS A 29 -16.46 1.78 -21.97
CA LYS A 29 -15.50 2.72 -21.41
C LYS A 29 -15.76 3.04 -19.94
N LEU A 30 -14.68 3.30 -19.22
CA LEU A 30 -14.72 3.78 -17.86
C LEU A 30 -14.53 5.30 -17.87
N VAL A 31 -15.47 5.99 -17.23
CA VAL A 31 -15.53 7.46 -17.22
C VAL A 31 -15.55 7.97 -15.79
N LEU A 32 -15.40 9.29 -15.63
CA LEU A 32 -15.60 9.94 -14.36
C LEU A 32 -16.99 10.57 -14.31
N HIS A 33 -17.67 10.39 -13.19
CA HIS A 33 -19.03 10.93 -13.01
C HIS A 33 -19.29 11.15 -11.52
N SER A 34 -20.02 12.23 -11.21
CA SER A 34 -20.30 12.61 -9.84
C SER A 34 -21.31 11.73 -9.09
N ASP A 35 -22.13 10.98 -9.81
CA ASP A 35 -23.15 10.17 -9.15
C ASP A 35 -22.56 9.04 -8.31
N ILE A 36 -23.28 8.68 -7.25
CA ILE A 36 -23.00 7.50 -6.44
C ILE A 36 -24.19 6.56 -6.53
N HIS A 37 -23.91 5.30 -6.86
CA HIS A 37 -24.89 4.22 -6.87
C HIS A 37 -24.17 2.88 -6.94
N GLU A 38 -24.91 1.79 -6.75
CA GLU A 38 -24.28 0.48 -6.63
C GLU A 38 -23.57 0.02 -7.89
N ARG A 39 -23.87 0.61 -9.06
CA ARG A 39 -23.19 0.23 -10.30
C ARG A 39 -21.89 0.98 -10.56
N MET A 40 -21.39 1.70 -9.55
CA MET A 40 -20.04 2.26 -9.61
C MET A 40 -19.21 1.82 -8.39
N TYR A 41 -19.68 0.78 -7.70
CA TYR A 41 -18.88 0.12 -6.66
C TYR A 41 -17.84 -0.81 -7.29
N PHE A 42 -16.64 -0.81 -6.70
CA PHE A 42 -15.55 -1.70 -7.09
C PHE A 42 -15.03 -2.52 -5.91
N GLN A 43 -14.30 -3.58 -6.26
CA GLN A 43 -13.53 -4.39 -5.32
C GLN A 43 -12.20 -4.68 -5.98
N PHE A 44 -11.22 -5.09 -5.17
CA PHE A 44 -9.88 -5.41 -5.68
C PHE A 44 -9.57 -6.85 -5.32
N ASP A 45 -9.29 -7.65 -6.35
CA ASP A 45 -8.96 -9.06 -6.20
C ASP A 45 -7.46 -9.26 -6.36
N VAL A 46 -6.78 -9.48 -5.23
CA VAL A 46 -5.34 -9.63 -5.24
C VAL A 46 -4.94 -10.89 -6.00
N VAL A 47 -3.96 -10.75 -6.89
CA VAL A 47 -3.35 -11.86 -7.63
C VAL A 47 -1.92 -12.16 -7.19
N ASP A 48 -1.10 -11.12 -7.04
CA ASP A 48 0.33 -11.27 -6.74
C ASP A 48 0.80 -10.03 -5.99
N GLU A 49 0.73 -10.10 -4.66
CA GLU A 49 1.19 -9.03 -3.77
C GLU A 49 0.43 -7.71 -4.06
N ARG A 50 1.08 -6.72 -4.66
CA ARG A 50 0.39 -5.47 -4.98
C ARG A 50 -0.54 -5.58 -6.18
N TRP A 51 -0.30 -6.59 -7.04
CA TRP A 51 -0.99 -6.70 -8.32
C TRP A 51 -2.28 -7.46 -8.21
N GLY A 52 -3.32 -6.94 -8.87
CA GLY A 52 -4.60 -7.62 -8.87
C GLY A 52 -5.56 -7.03 -9.87
N TYR A 53 -6.80 -7.51 -9.81
CA TYR A 53 -7.85 -7.08 -10.73
C TYR A 53 -8.79 -6.11 -10.05
N ILE A 54 -9.13 -5.05 -10.77
CA ILE A 54 -10.09 -4.06 -10.29
C ILE A 54 -11.44 -4.48 -10.83
N LYS A 55 -12.32 -4.95 -9.94
CA LYS A 55 -13.57 -5.60 -10.31
C LYS A 55 -14.78 -4.71 -10.08
N HIS A 56 -15.56 -4.55 -11.13
CA HIS A 56 -16.85 -3.88 -11.09
C HIS A 56 -17.83 -4.80 -10.38
N VAL A 57 -18.28 -4.39 -9.20
CA VAL A 57 -19.05 -5.32 -8.35
C VAL A 57 -20.34 -5.81 -9.01
N ALA A 58 -21.06 -4.88 -9.64
CA ALA A 58 -22.37 -5.25 -10.17
C ALA A 58 -22.30 -6.34 -11.24
N SER A 59 -21.26 -6.31 -12.07
CA SER A 59 -21.17 -7.22 -13.22
C SER A 59 -20.14 -8.33 -13.10
N GLY A 60 -19.16 -8.13 -12.21
CA GLY A 60 -18.00 -9.01 -12.12
C GLY A 60 -16.95 -8.82 -13.21
N LYS A 61 -17.17 -7.90 -14.15
CA LYS A 61 -16.15 -7.60 -15.14
C LYS A 61 -15.05 -6.77 -14.46
N ILE A 62 -13.87 -6.73 -15.08
CA ILE A 62 -12.73 -6.06 -14.49
C ILE A 62 -12.15 -4.99 -15.44
N VAL A 63 -11.34 -4.12 -14.87
CA VAL A 63 -10.73 -3.01 -15.64
C VAL A 63 -9.60 -3.55 -16.54
N HIS A 64 -9.61 -3.12 -17.80
CA HIS A 64 -8.56 -3.41 -18.77
C HIS A 64 -8.16 -2.13 -19.50
N PRO A 65 -6.90 -2.07 -19.98
CA PRO A 65 -6.63 -1.17 -21.10
C PRO A 65 -7.27 -1.77 -22.34
N TYR A 66 -7.94 -0.95 -23.14
CA TYR A 66 -8.59 -1.45 -24.34
C TYR A 66 -7.56 -2.10 -25.26
N GLY A 67 -7.87 -3.33 -25.65
CA GLY A 67 -6.95 -4.11 -26.47
C GLY A 67 -6.05 -5.05 -25.69
N GLY A 68 -5.94 -4.86 -24.38
CA GLY A 68 -5.25 -5.83 -23.54
C GLY A 68 -3.77 -5.97 -23.79
N GLN A 69 -3.12 -4.87 -24.13
CA GLN A 69 -1.67 -4.87 -24.32
C GLN A 69 -0.92 -4.90 -23.01
N ALA A 70 0.25 -5.54 -23.02
CA ALA A 70 1.12 -5.49 -21.82
C ALA A 70 1.69 -4.09 -21.60
N ASN A 71 1.94 -3.37 -22.69
CA ASN A 71 2.52 -2.03 -22.64
C ASN A 71 1.64 -1.07 -23.42
N PRO A 72 0.43 -0.82 -22.91
CA PRO A 72 -0.46 0.08 -23.66
C PRO A 72 0.15 1.47 -23.81
N PRO A 73 0.04 2.07 -24.99
CA PRO A 73 0.55 3.43 -25.13
C PRO A 73 -0.30 4.47 -24.43
N ASN A 74 0.30 5.62 -24.20
CA ASN A 74 -0.47 6.75 -23.71
C ASN A 74 -1.73 6.95 -24.55
N GLU A 75 -2.81 7.33 -23.86
CA GLU A 75 -4.14 7.61 -24.42
C GLU A 75 -5.00 6.39 -24.69
N THR A 76 -4.50 5.20 -24.38
CA THR A 76 -5.31 3.99 -24.49
C THR A 76 -6.49 4.10 -23.54
N ASN A 77 -7.69 3.87 -24.05
CA ASN A 77 -8.88 3.93 -23.22
C ASN A 77 -8.93 2.83 -22.16
N MET A 78 -9.43 3.19 -20.97
CA MET A 78 -9.77 2.18 -19.98
C MET A 78 -11.19 1.68 -20.22
N VAL A 79 -11.38 0.37 -20.10
CA VAL A 79 -12.66 -0.28 -20.32
C VAL A 79 -12.89 -1.38 -19.29
N LEU A 80 -14.12 -1.90 -19.24
CA LEU A 80 -14.42 -3.15 -18.53
C LEU A 80 -14.43 -4.29 -19.52
N HIS A 81 -13.97 -5.46 -19.06
CA HIS A 81 -14.03 -6.69 -19.86
C HIS A 81 -14.06 -7.87 -18.90
N GLN A 82 -14.76 -8.93 -19.30
CA GLN A 82 -14.85 -10.14 -18.48
C GLN A 82 -13.54 -10.94 -18.38
N ASP A 83 -12.66 -10.81 -19.37
CA ASP A 83 -11.44 -11.62 -19.42
C ASP A 83 -10.54 -11.36 -18.22
N ARG A 84 -9.89 -12.42 -17.74
CA ARG A 84 -8.77 -12.33 -16.79
C ARG A 84 -7.48 -12.76 -17.46
N HIS A 85 -6.48 -11.89 -17.37
CA HIS A 85 -5.12 -12.19 -17.83
C HIS A 85 -4.20 -11.13 -17.26
N ASP A 86 -2.90 -11.27 -17.50
CA ASP A 86 -1.93 -10.43 -16.81
C ASP A 86 -1.93 -8.98 -17.29
N ARG A 87 -2.56 -8.71 -18.44
CA ARG A 87 -2.63 -7.33 -18.92
C ARG A 87 -3.78 -6.56 -18.26
N ALA A 88 -4.56 -7.24 -17.41
CA ALA A 88 -5.57 -6.57 -16.59
C ALA A 88 -5.11 -6.42 -15.13
N LEU A 89 -3.81 -6.57 -14.89
CA LEU A 89 -3.27 -6.36 -13.54
C LEU A 89 -2.94 -4.88 -13.27
N PHE A 90 -3.37 -4.42 -12.09
CA PHE A 90 -3.12 -3.07 -11.60
C PHE A 90 -2.69 -3.16 -10.15
N ALA A 91 -2.07 -2.08 -9.68
CA ALA A 91 -1.76 -1.88 -8.27
C ALA A 91 -2.48 -0.63 -7.80
N MET A 92 -3.09 -0.72 -6.61
CA MET A 92 -3.86 0.36 -6.02
C MET A 92 -2.96 1.06 -5.00
N ASP A 93 -2.24 2.07 -5.47
CA ASP A 93 -1.23 2.73 -4.67
C ASP A 93 -1.88 3.78 -3.78
N PHE A 94 -2.21 3.34 -2.56
CA PHE A 94 -2.92 4.18 -1.61
C PHE A 94 -1.98 5.06 -0.80
N PHE A 95 -0.67 4.97 -1.08
CA PHE A 95 0.33 5.85 -0.48
C PHE A 95 0.61 7.07 -1.35
N ASN A 96 0.83 6.84 -2.64
CA ASN A 96 1.00 7.93 -3.60
C ASN A 96 -0.31 8.36 -4.26
N ASP A 97 -1.40 7.65 -3.97
CA ASP A 97 -2.75 7.95 -4.46
C ASP A 97 -2.85 7.88 -5.97
N ASN A 98 -2.53 6.71 -6.52
CA ASN A 98 -2.72 6.47 -7.95
C ASN A 98 -3.05 5.01 -8.24
N ILE A 99 -3.44 4.74 -9.48
CA ILE A 99 -3.70 3.39 -9.94
C ILE A 99 -2.74 3.12 -11.09
N MET A 100 -1.87 2.15 -10.89
CA MET A 100 -0.82 1.81 -11.87
C MET A 100 -1.12 0.48 -12.57
N HIS A 101 -1.10 0.51 -13.89
CA HIS A 101 -1.14 -0.70 -14.70
C HIS A 101 0.19 -1.45 -14.62
N LYS A 102 0.16 -2.76 -14.85
CA LYS A 102 1.35 -3.60 -14.78
C LYS A 102 2.51 -3.11 -15.67
N GLY A 103 2.17 -2.45 -16.78
CA GLY A 103 3.14 -1.87 -17.69
C GLY A 103 3.80 -0.60 -17.22
N GLY A 104 3.36 -0.08 -16.07
CA GLY A 104 4.01 1.08 -15.46
C GLY A 104 3.32 2.42 -15.60
N LYS A 105 2.32 2.50 -16.46
CA LYS A 105 1.56 3.74 -16.65
C LYS A 105 0.36 3.75 -15.70
N TYR A 106 -0.34 4.88 -15.69
CA TYR A 106 -1.39 5.15 -14.72
C TYR A 106 -2.72 5.45 -15.37
N ILE A 107 -3.80 5.31 -14.59
CA ILE A 107 -5.11 5.76 -15.04
C ILE A 107 -5.20 7.27 -14.85
N HIS A 108 -5.63 7.96 -15.91
CA HIS A 108 -5.80 9.41 -15.96
C HIS A 108 -7.18 9.80 -16.49
N PRO A 109 -7.66 10.99 -16.12
CA PRO A 109 -8.70 11.61 -16.93
C PRO A 109 -8.12 12.04 -18.28
N LYS A 110 -8.82 11.73 -19.35
CA LYS A 110 -8.34 12.10 -20.68
C LYS A 110 -8.13 13.61 -20.75
N GLY A 111 -6.94 14.00 -21.17
CA GLY A 111 -6.61 15.42 -21.32
C GLY A 111 -6.04 16.09 -20.09
N GLY A 112 -6.11 15.43 -18.93
CA GLY A 112 -5.41 15.89 -17.74
C GLY A 112 -6.08 16.98 -16.90
N SER A 113 -7.33 17.33 -17.19
CA SER A 113 -8.00 18.33 -16.36
C SER A 113 -8.18 17.86 -14.92
N PRO A 114 -7.93 18.75 -13.94
CA PRO A 114 -8.26 18.42 -12.55
C PRO A 114 -9.74 18.56 -12.22
N ASN A 115 -10.50 19.23 -13.10
CA ASN A 115 -11.95 19.38 -12.91
C ASN A 115 -12.70 19.01 -14.17
N PRO A 116 -12.55 17.75 -14.60
CA PRO A 116 -13.19 17.33 -15.82
C PRO A 116 -14.71 17.17 -15.63
N PRO A 117 -15.46 17.33 -16.73
CA PRO A 117 -16.91 17.19 -16.66
C PRO A 117 -17.37 15.73 -16.53
N ASN A 118 -18.62 15.56 -16.12
CA ASN A 118 -19.20 14.22 -16.12
C ASN A 118 -19.03 13.55 -17.49
N ASN A 119 -18.77 12.24 -17.42
CA ASN A 119 -18.57 11.37 -18.57
C ASN A 119 -17.25 11.57 -19.30
N THR A 120 -16.29 12.21 -18.63
CA THR A 120 -14.92 12.25 -19.14
C THR A 120 -14.33 10.86 -19.16
N GLU A 121 -13.77 10.48 -20.31
CA GLU A 121 -13.13 9.18 -20.45
C GLU A 121 -11.86 9.10 -19.63
N THR A 122 -11.56 7.89 -19.14
CA THR A 122 -10.27 7.64 -18.53
C THR A 122 -9.37 6.86 -19.49
N VAL A 123 -8.08 7.13 -19.36
CA VAL A 123 -7.08 6.57 -20.25
C VAL A 123 -5.80 6.23 -19.49
N ILE A 124 -4.97 5.43 -20.13
CA ILE A 124 -3.61 5.14 -19.71
C ILE A 124 -2.72 6.35 -20.02
N HIS A 125 -1.89 6.75 -19.07
CA HIS A 125 -0.82 7.70 -19.38
C HIS A 125 0.32 7.56 -18.39
N GLY A 126 1.55 7.71 -18.86
CA GLY A 126 2.71 7.56 -17.99
C GLY A 126 2.99 8.70 -17.00
N ASP A 127 2.41 9.88 -17.24
CA ASP A 127 2.70 11.05 -16.41
C ASP A 127 2.16 10.89 -14.99
N LYS A 128 2.83 11.56 -14.05
CA LYS A 128 2.39 11.65 -12.65
C LYS A 128 2.20 13.12 -12.31
N HIS A 129 1.01 13.46 -11.81
CA HIS A 129 0.64 14.81 -11.43
C HIS A 129 -0.64 14.77 -10.61
N ALA A 130 -1.07 15.90 -10.08
CA ALA A 130 -2.19 15.91 -9.16
C ALA A 130 -3.49 15.42 -9.77
N ALA A 131 -3.66 15.65 -11.06
CA ALA A 131 -4.91 15.29 -11.74
C ALA A 131 -5.05 13.83 -12.11
N MET A 132 -4.03 13.00 -11.84
CA MET A 132 -4.18 11.55 -12.01
C MET A 132 -4.26 10.83 -10.66
N GLU A 133 -4.42 11.57 -9.56
CA GLU A 133 -4.53 10.94 -8.26
C GLU A 133 -5.95 10.45 -8.01
N PHE A 134 -6.02 9.29 -7.34
CA PHE A 134 -7.26 8.65 -6.94
C PHE A 134 -7.13 8.18 -5.51
N ILE A 135 -8.24 8.24 -4.79
CA ILE A 135 -8.36 7.66 -3.45
C ILE A 135 -9.53 6.70 -3.42
N PHE A 136 -9.53 5.81 -2.42
CA PHE A 136 -10.42 4.65 -2.41
C PHE A 136 -11.24 4.73 -1.14
N VAL A 137 -12.54 4.97 -1.30
CA VAL A 137 -13.37 5.43 -0.19
C VAL A 137 -14.62 4.55 0.02
N SER A 138 -15.17 4.65 1.23
CA SER A 138 -16.35 3.89 1.60
C SER A 138 -17.58 4.28 0.77
N PRO A 139 -18.36 3.29 0.31
CA PRO A 139 -19.62 3.62 -0.35
C PRO A 139 -20.58 4.41 0.53
N LYS A 140 -20.44 4.29 1.86
CA LYS A 140 -21.30 5.02 2.79
C LYS A 140 -20.71 6.34 3.29
N ASN A 141 -19.47 6.64 2.90
CA ASN A 141 -18.84 7.89 3.29
C ASN A 141 -17.70 8.18 2.33
N LYS A 142 -17.99 9.01 1.34
CA LYS A 142 -17.08 9.26 0.24
C LYS A 142 -15.83 10.02 0.66
N ASP A 143 -15.73 10.44 1.93
CA ASP A 143 -14.53 11.06 2.43
C ASP A 143 -13.68 10.14 3.29
N LYS A 144 -14.14 8.92 3.52
CA LYS A 144 -13.44 7.97 4.38
C LYS A 144 -12.69 6.96 3.53
N ARG A 145 -11.37 7.04 3.57
CA ARG A 145 -10.56 6.05 2.90
C ARG A 145 -10.75 4.68 3.52
N VAL A 146 -10.79 3.64 2.67
CA VAL A 146 -10.88 2.26 3.12
C VAL A 146 -9.73 1.46 2.52
N LEU A 147 -9.33 0.41 3.23
CA LEU A 147 -8.26 -0.47 2.78
C LEU A 147 -8.76 -1.43 1.69
N VAL A 148 -8.22 -1.30 0.49
CA VAL A 148 -8.68 -2.13 -0.63
C VAL A 148 -8.03 -3.51 -0.71
N TYR A 149 -6.92 -3.69 -0.01
CA TYR A 149 -6.15 -4.93 -0.01
C TYR A 149 -6.59 -5.89 1.08
N ALA A 150 -6.85 -7.15 0.71
CA ALA A 150 -7.17 -8.22 1.67
C ALA A 150 -6.92 -9.59 1.03
N THR B 2 -0.73 -12.26 7.47
CA THR B 2 0.46 -12.74 6.71
C THR B 2 1.71 -12.51 7.53
N THR B 3 2.53 -13.55 7.69
CA THR B 3 3.82 -13.43 8.37
C THR B 3 4.88 -12.99 7.38
N PHE B 4 5.77 -12.11 7.81
CA PHE B 4 6.81 -11.59 6.92
C PHE B 4 8.07 -11.26 7.67
N LEU B 5 9.16 -11.08 6.90
CA LEU B 5 10.42 -10.55 7.40
C LEU B 5 10.51 -9.09 6.98
N ILE B 6 11.00 -8.24 7.87
CA ILE B 6 11.20 -6.84 7.56
C ILE B 6 12.67 -6.68 7.14
N LYS B 7 12.88 -6.51 5.85
CA LYS B 7 14.21 -6.53 5.25
C LYS B 7 14.66 -5.11 4.89
N HIS B 8 15.77 -4.69 5.49
CA HIS B 8 16.41 -3.43 5.14
C HIS B 8 16.92 -3.55 3.69
N LYS B 9 16.40 -2.71 2.81
CA LYS B 9 16.58 -2.91 1.37
C LYS B 9 18.03 -2.80 0.95
N ALA B 10 18.74 -1.80 1.48
CA ALA B 10 20.13 -1.55 1.06
C ALA B 10 21.11 -2.63 1.48
N SER B 11 20.89 -3.22 2.67
CA SER B 11 21.86 -4.19 3.24
C SER B 11 21.44 -5.64 3.17
N GLY B 12 20.13 -5.88 3.08
CA GLY B 12 19.59 -7.21 3.16
C GLY B 12 19.49 -7.79 4.56
N LYS B 13 19.82 -6.99 5.57
CA LYS B 13 19.64 -7.41 6.95
C LYS B 13 18.18 -7.24 7.34
N PHE B 14 17.80 -7.81 8.48
CA PHE B 14 16.40 -7.85 8.90
C PHE B 14 16.19 -7.21 10.25
N LEU B 15 14.96 -6.77 10.51
CA LEU B 15 14.59 -6.29 11.83
C LEU B 15 14.48 -7.45 12.81
N HIS B 16 15.15 -7.31 13.96
CA HIS B 16 15.14 -8.32 15.04
C HIS B 16 14.95 -7.61 16.38
N PRO B 17 14.35 -8.31 17.36
CA PRO B 17 14.59 -7.82 18.73
C PRO B 17 16.04 -8.09 19.10
N TYR B 18 16.69 -7.14 19.77
CA TYR B 18 18.07 -7.35 20.20
C TYR B 18 18.11 -8.56 21.11
N GLY B 19 18.98 -9.51 20.80
CA GLY B 19 19.07 -10.77 21.56
C GLY B 19 18.25 -11.91 21.02
N GLY B 20 17.30 -11.62 20.13
CA GLY B 20 16.59 -12.67 19.42
C GLY B 20 15.68 -13.54 20.28
N SER B 21 15.12 -13.01 21.35
CA SER B 21 14.29 -13.82 22.24
C SER B 21 12.90 -14.07 21.68
N SER B 22 12.32 -15.22 22.04
N SER B 22 12.34 -15.23 22.03
CA SER B 22 10.92 -15.49 21.75
CA SER B 22 10.95 -15.52 21.77
C SER B 22 9.99 -14.66 22.62
C SER B 22 10.03 -14.59 22.58
N ASN B 23 10.52 -14.10 23.72
CA ASN B 23 9.76 -13.21 24.57
C ASN B 23 10.63 -12.06 25.10
N PRO B 24 10.96 -11.11 24.21
CA PRO B 24 11.73 -9.98 24.66
C PRO B 24 10.98 -9.18 25.73
N ALA B 25 11.71 -8.69 26.71
CA ALA B 25 11.12 -7.80 27.70
C ALA B 25 10.59 -6.54 27.06
N ASN B 26 9.60 -5.92 27.70
CA ASN B 26 9.20 -4.58 27.30
C ASN B 26 10.43 -3.66 27.22
N ASN B 27 10.43 -2.84 26.17
CA ASN B 27 11.45 -1.87 25.86
C ASN B 27 12.76 -2.45 25.31
N THR B 28 12.72 -3.72 24.91
CA THR B 28 13.85 -4.30 24.17
C THR B 28 14.01 -3.56 22.84
N LYS B 29 15.23 -3.15 22.51
CA LYS B 29 15.49 -2.45 21.26
C LYS B 29 15.34 -3.36 20.06
N LEU B 30 14.91 -2.75 18.96
CA LEU B 30 14.87 -3.38 17.65
C LEU B 30 16.11 -2.99 16.86
N VAL B 31 16.80 -4.01 16.36
CA VAL B 31 18.06 -3.85 15.66
C VAL B 31 17.98 -4.49 14.28
N LEU B 32 19.01 -4.27 13.47
CA LEU B 32 19.18 -5.02 12.23
C LEU B 32 20.17 -6.14 12.41
N HIS B 33 19.85 -7.31 11.85
CA HIS B 33 20.73 -8.47 11.94
C HIS B 33 20.51 -9.38 10.74
N SER B 34 21.59 -10.01 10.30
CA SER B 34 21.54 -10.85 9.10
C SER B 34 20.81 -12.21 9.27
N ASP B 35 20.67 -12.71 10.50
CA ASP B 35 20.09 -14.04 10.71
C ASP B 35 18.61 -14.06 10.36
N ILE B 36 18.13 -15.24 9.97
CA ILE B 36 16.71 -15.51 9.79
C ILE B 36 16.32 -16.64 10.73
N HIS B 37 15.23 -16.42 11.48
CA HIS B 37 14.68 -17.42 12.38
C HIS B 37 13.31 -16.96 12.84
N GLU B 38 12.59 -17.82 13.54
CA GLU B 38 11.19 -17.52 13.85
C GLU B 38 11.02 -16.35 14.83
N ARG B 39 12.08 -15.98 15.55
CA ARG B 39 12.02 -14.86 16.48
C ARG B 39 12.28 -13.50 15.84
N MET B 40 12.39 -13.46 14.52
CA MET B 40 12.39 -12.20 13.77
C MET B 40 11.25 -12.11 12.76
N TYR B 41 10.24 -12.99 12.91
CA TYR B 41 9.02 -12.90 12.12
C TYR B 41 8.11 -11.82 12.67
N PHE B 42 7.45 -11.09 11.75
CA PHE B 42 6.47 -10.06 12.10
C PHE B 42 5.15 -10.30 11.36
N GLN B 43 4.10 -9.67 11.90
CA GLN B 43 2.78 -9.58 11.27
C GLN B 43 2.33 -8.13 11.42
N PHE B 44 1.35 -7.75 10.61
CA PHE B 44 0.81 -6.41 10.67
C PHE B 44 -0.68 -6.48 10.95
N ASP B 45 -1.08 -5.86 12.05
CA ASP B 45 -2.47 -5.87 12.47
C ASP B 45 -3.10 -4.51 12.16
N VAL B 46 -3.95 -4.50 11.15
CA VAL B 46 -4.59 -3.28 10.69
C VAL B 46 -5.55 -2.75 11.74
N VAL B 47 -5.41 -1.44 12.03
CA VAL B 47 -6.28 -0.72 12.93
C VAL B 47 -7.21 0.25 12.19
N ASP B 48 -6.64 1.02 11.27
CA ASP B 48 -7.39 2.08 10.58
C ASP B 48 -6.78 2.27 9.20
N GLU B 49 -7.31 1.54 8.22
CA GLU B 49 -6.88 1.64 6.81
C GLU B 49 -5.38 1.34 6.68
N ARG B 50 -4.54 2.35 6.45
CA ARG B 50 -3.10 2.08 6.30
C ARG B 50 -2.41 1.85 7.65
N TRP B 51 -3.04 2.33 8.72
CA TRP B 51 -2.40 2.36 10.05
C TRP B 51 -2.65 1.09 10.84
N GLY B 52 -1.61 0.59 11.49
CA GLY B 52 -1.74 -0.62 12.28
C GLY B 52 -0.53 -0.87 13.15
N TYR B 53 -0.54 -2.03 13.78
CA TYR B 53 0.53 -2.43 14.70
C TYR B 53 1.45 -3.43 14.04
N ILE B 54 2.74 -3.21 14.21
CA ILE B 54 3.77 -4.13 13.72
C ILE B 54 4.07 -5.09 14.87
N LYS B 55 3.64 -6.35 14.70
CA LYS B 55 3.65 -7.31 15.78
C LYS B 55 4.75 -8.35 15.63
N HIS B 56 5.56 -8.49 16.66
CA HIS B 56 6.56 -9.54 16.77
C HIS B 56 5.80 -10.85 17.03
N VAL B 57 5.88 -11.78 16.08
CA VAL B 57 5.01 -12.96 16.16
C VAL B 57 5.28 -13.79 17.40
N ALA B 58 6.56 -14.01 17.74
CA ALA B 58 6.88 -14.96 18.82
C ALA B 58 6.34 -14.49 20.17
N SER B 59 6.33 -13.18 20.42
CA SER B 59 5.94 -12.63 21.73
C SER B 59 4.58 -11.94 21.76
N GLY B 60 4.10 -11.50 20.60
CA GLY B 60 2.91 -10.68 20.55
C GLY B 60 3.11 -9.21 20.91
N LYS B 61 4.32 -8.83 21.31
CA LYS B 61 4.60 -7.41 21.52
C LYS B 61 4.69 -6.71 20.17
N ILE B 62 4.51 -5.39 20.19
CA ILE B 62 4.49 -4.60 18.97
C ILE B 62 5.57 -3.52 19.01
N VAL B 63 5.81 -2.94 17.84
CA VAL B 63 6.84 -1.90 17.72
C VAL B 63 6.31 -0.57 18.28
N HIS B 64 7.13 0.10 19.09
CA HIS B 64 6.87 1.44 19.63
C HIS B 64 8.09 2.34 19.49
N PRO B 65 7.88 3.66 19.39
CA PRO B 65 8.96 4.58 19.77
C PRO B 65 9.15 4.52 21.27
N TYR B 66 10.40 4.53 21.73
CA TYR B 66 10.68 4.41 23.18
C TYR B 66 10.11 5.62 23.92
N GLY B 67 9.18 5.36 24.83
CA GLY B 67 8.45 6.42 25.51
C GLY B 67 7.09 6.72 24.96
N GLY B 68 6.73 6.12 23.83
CA GLY B 68 5.36 6.23 23.34
C GLY B 68 4.89 7.60 22.91
N GLN B 69 5.77 8.35 22.25
CA GLN B 69 5.42 9.67 21.74
C GLN B 69 4.53 9.60 20.51
N ALA B 70 3.63 10.55 20.39
CA ALA B 70 2.88 10.75 19.14
C ALA B 70 3.78 11.33 18.05
N ASN B 71 4.74 12.17 18.47
CA ASN B 71 5.64 12.87 17.55
C ASN B 71 7.07 12.66 18.02
N PRO B 72 7.52 11.40 18.00
CA PRO B 72 8.88 11.14 18.50
C PRO B 72 9.96 11.95 17.80
N PRO B 73 10.89 12.54 18.56
CA PRO B 73 11.97 13.22 17.89
C PRO B 73 12.88 12.30 17.09
N ASN B 74 13.58 12.88 16.13
CA ASN B 74 14.65 12.17 15.46
C ASN B 74 15.57 11.53 16.50
N GLU B 75 15.97 10.30 16.18
CA GLU B 75 16.86 9.43 16.94
C GLU B 75 16.19 8.70 18.10
N THR B 76 14.86 8.86 18.26
CA THR B 76 14.13 8.04 19.24
C THR B 76 14.30 6.56 18.90
N ASN B 77 14.71 5.76 19.88
CA ASN B 77 14.88 4.32 19.64
C ASN B 77 13.56 3.61 19.38
N MET B 78 13.61 2.63 18.46
CA MET B 78 12.50 1.69 18.30
C MET B 78 12.67 0.53 19.27
N VAL B 79 11.56 0.16 19.89
CA VAL B 79 11.54 -0.93 20.85
C VAL B 79 10.30 -1.79 20.65
N LEU B 80 10.27 -2.95 21.31
CA LEU B 80 9.03 -3.71 21.45
C LEU B 80 8.39 -3.41 22.79
N HIS B 81 7.07 -3.39 22.78
CA HIS B 81 6.31 -3.20 24.02
C HIS B 81 4.93 -3.87 23.86
N GLN B 82 4.42 -4.40 24.96
CA GLN B 82 3.12 -5.04 24.94
C GLN B 82 1.92 -4.10 24.70
N ASP B 83 2.04 -2.83 25.04
CA ASP B 83 0.90 -1.94 25.00
C ASP B 83 0.42 -1.69 23.57
N ARG B 84 -0.88 -1.41 23.44
CA ARG B 84 -1.52 -1.06 22.19
C ARG B 84 -2.14 0.30 22.33
N HIS B 85 -1.69 1.27 21.52
CA HIS B 85 -2.27 2.59 21.54
C HIS B 85 -1.87 3.32 20.26
N ASP B 86 -2.37 4.54 20.07
CA ASP B 86 -2.23 5.21 18.79
C ASP B 86 -0.81 5.72 18.54
N ARG B 87 0.05 5.72 19.56
CA ARG B 87 1.43 6.12 19.36
C ARG B 87 2.33 4.96 18.91
N ALA B 88 1.72 3.77 18.79
CA ALA B 88 2.39 2.59 18.22
C ALA B 88 1.79 2.23 16.85
N LEU B 89 1.14 3.22 16.19
CA LEU B 89 0.62 3.00 14.85
C LEU B 89 1.68 3.34 13.80
N PHE B 90 1.79 2.44 12.81
CA PHE B 90 2.67 2.61 11.65
C PHE B 90 1.90 2.28 10.38
N ALA B 91 2.46 2.72 9.25
CA ALA B 91 1.98 2.33 7.92
C ALA B 91 3.14 1.64 7.20
N MET B 92 2.83 0.52 6.54
CA MET B 92 3.80 -0.30 5.83
C MET B 92 3.73 0.10 4.37
N ASP B 93 4.53 1.09 3.99
CA ASP B 93 4.45 1.67 2.65
C ASP B 93 5.23 0.80 1.67
N PHE B 94 4.52 -0.16 1.07
CA PHE B 94 5.14 -1.11 0.15
C PHE B 94 5.25 -0.59 -1.27
N PHE B 95 4.83 0.66 -1.49
CA PHE B 95 5.02 1.33 -2.76
C PHE B 95 6.28 2.18 -2.78
N ASN B 96 6.49 2.97 -1.74
CA ASN B 96 7.71 3.74 -1.57
C ASN B 96 8.81 3.02 -0.79
N ASP B 97 8.46 1.86 -0.26
CA ASP B 97 9.37 0.97 0.49
C ASP B 97 9.90 1.64 1.76
N ASN B 98 8.99 2.01 2.65
CA ASN B 98 9.39 2.51 3.95
C ASN B 98 8.36 2.18 5.01
N ILE B 99 8.72 2.42 6.27
CA ILE B 99 7.83 2.21 7.39
C ILE B 99 7.67 3.56 8.09
N MET B 100 6.46 4.09 8.06
CA MET B 100 6.19 5.42 8.61
C MET B 100 5.39 5.32 9.91
N HIS B 101 5.88 6.00 10.94
CA HIS B 101 5.16 6.15 12.19
C HIS B 101 4.02 7.16 12.01
N LYS B 102 3.00 7.06 12.86
CA LYS B 102 1.82 7.94 12.78
C LYS B 102 2.17 9.44 12.78
N GLY B 103 3.28 9.79 13.45
CA GLY B 103 3.74 11.17 13.51
C GLY B 103 4.40 11.70 12.26
N GLY B 104 4.60 10.82 11.27
CA GLY B 104 5.14 11.21 9.96
C GLY B 104 6.59 10.91 9.70
N LYS B 105 7.32 10.46 10.72
CA LYS B 105 8.72 10.09 10.55
C LYS B 105 8.84 8.58 10.24
N TYR B 106 10.05 8.13 9.95
CA TYR B 106 10.27 6.78 9.46
C TYR B 106 11.20 5.97 10.32
N ILE B 107 11.15 4.64 10.19
CA ILE B 107 12.17 3.80 10.82
C ILE B 107 13.45 3.80 9.97
N HIS B 108 14.57 4.10 10.64
CA HIS B 108 15.91 4.10 10.07
C HIS B 108 16.87 3.21 10.85
N PRO B 109 17.92 2.71 10.18
CA PRO B 109 19.09 2.30 10.98
C PRO B 109 19.73 3.54 11.60
N LYS B 110 20.12 3.45 12.87
CA LYS B 110 20.79 4.58 13.53
C LYS B 110 22.06 4.90 12.80
N GLY B 111 22.18 6.15 12.36
CA GLY B 111 23.33 6.58 11.57
C GLY B 111 23.17 6.55 10.06
N GLY B 112 22.13 5.90 9.57
CA GLY B 112 21.79 5.96 8.17
C GLY B 112 22.69 5.25 7.19
N SER B 113 23.43 4.20 7.65
CA SER B 113 24.28 3.47 6.74
C SER B 113 23.50 2.59 5.76
N PRO B 114 23.92 2.56 4.50
CA PRO B 114 23.41 1.54 3.58
C PRO B 114 23.84 0.11 3.94
N ASN B 115 24.86 -0.04 4.77
CA ASN B 115 25.31 -1.35 5.21
C ASN B 115 25.59 -1.37 6.71
N PRO B 116 24.54 -1.24 7.52
CA PRO B 116 24.75 -1.24 8.99
C PRO B 116 25.24 -2.62 9.45
N PRO B 117 26.18 -2.66 10.41
CA PRO B 117 26.60 -3.95 10.94
C PRO B 117 25.51 -4.61 11.78
N ASN B 118 25.65 -5.91 12.00
CA ASN B 118 24.75 -6.61 12.88
C ASN B 118 24.62 -5.89 14.21
N ASN B 119 23.39 -5.87 14.70
CA ASN B 119 23.00 -5.26 15.97
C ASN B 119 22.99 -3.74 15.98
N THR B 120 23.00 -3.13 14.79
CA THR B 120 22.74 -1.71 14.68
C THR B 120 21.30 -1.41 15.13
N GLU B 121 21.15 -0.47 16.06
CA GLU B 121 19.85 -0.03 16.55
C GLU B 121 19.05 0.66 15.47
N THR B 122 17.73 0.52 15.53
CA THR B 122 16.85 1.30 14.68
C THR B 122 16.21 2.43 15.48
N VAL B 123 15.96 3.53 14.78
CA VAL B 123 15.44 4.76 15.35
C VAL B 123 14.44 5.40 14.40
N ILE B 124 13.66 6.33 14.97
CA ILE B 124 12.82 7.25 14.22
C ILE B 124 13.70 8.32 13.57
N HIS B 125 13.43 8.66 12.32
CA HIS B 125 14.03 9.86 11.73
C HIS B 125 13.15 10.34 10.57
N GLY B 126 13.03 11.66 10.42
CA GLY B 126 12.23 12.22 9.35
C GLY B 126 12.76 12.14 7.93
N ASP B 127 14.08 11.94 7.78
CA ASP B 127 14.70 11.90 6.47
C ASP B 127 14.22 10.73 5.61
N LYS B 128 14.21 10.94 4.30
CA LYS B 128 13.91 9.90 3.33
C LYS B 128 15.11 9.79 2.41
N HIS B 129 15.60 8.56 2.27
CA HIS B 129 16.74 8.23 1.43
C HIS B 129 16.84 6.71 1.27
N ALA B 130 17.78 6.23 0.47
CA ALA B 130 17.81 4.81 0.15
C ALA B 130 18.08 3.90 1.35
N ALA B 131 18.80 4.42 2.34
CA ALA B 131 19.19 3.64 3.50
C ALA B 131 18.12 3.54 4.57
N MET B 132 16.95 4.15 4.36
CA MET B 132 15.82 3.92 5.26
C MET B 132 14.72 3.10 4.59
N GLU B 133 15.00 2.52 3.42
CA GLU B 133 14.01 1.71 2.73
C GLU B 133 13.96 0.29 3.30
N PHE B 134 12.74 -0.25 3.35
CA PHE B 134 12.48 -1.61 3.80
C PHE B 134 11.49 -2.27 2.84
N ILE B 135 11.68 -3.57 2.64
CA ILE B 135 10.72 -4.40 1.92
C ILE B 135 10.26 -5.54 2.82
N PHE B 136 9.13 -6.16 2.47
CA PHE B 136 8.45 -7.07 3.36
C PHE B 136 8.33 -8.39 2.62
N VAL B 137 9.04 -9.41 3.12
CA VAL B 137 9.29 -10.61 2.33
C VAL B 137 8.87 -11.91 3.03
N SER B 138 8.73 -12.95 2.23
CA SER B 138 8.31 -14.25 2.72
C SER B 138 9.34 -14.88 3.64
N PRO B 139 8.88 -15.45 4.78
CA PRO B 139 9.83 -16.20 5.59
C PRO B 139 10.45 -17.42 4.89
N LYS B 140 9.83 -17.89 3.79
CA LYS B 140 10.39 -18.99 3.00
C LYS B 140 11.20 -18.57 1.78
N ASN B 141 11.21 -17.27 1.49
CA ASN B 141 11.95 -16.75 0.37
C ASN B 141 12.20 -15.28 0.57
N LYS B 142 13.39 -14.96 1.06
CA LYS B 142 13.72 -13.60 1.49
C LYS B 142 13.82 -12.58 0.36
N ASP B 143 13.68 -13.03 -0.89
CA ASP B 143 13.62 -12.11 -2.03
C ASP B 143 12.21 -11.91 -2.57
N LYS B 144 11.23 -12.60 -2.00
CA LYS B 144 9.83 -12.56 -2.47
C LYS B 144 9.00 -11.62 -1.61
N ARG B 145 8.60 -10.49 -2.18
CA ARG B 145 7.71 -9.59 -1.48
C ARG B 145 6.36 -10.26 -1.24
N VAL B 146 5.80 -10.02 -0.05
CA VAL B 146 4.47 -10.51 0.31
C VAL B 146 3.60 -9.34 0.75
N LEU B 147 2.30 -9.50 0.56
CA LEU B 147 1.35 -8.47 0.95
C LEU B 147 1.10 -8.53 2.46
N VAL B 148 1.43 -7.44 3.15
CA VAL B 148 1.31 -7.42 4.61
C VAL B 148 -0.07 -7.00 5.11
N TYR B 149 -0.87 -6.40 4.21
CA TYR B 149 -2.22 -5.92 4.52
C TYR B 149 -3.30 -6.93 4.26
N ALA B 150 -4.12 -7.18 5.27
CA ALA B 150 -5.31 -8.01 5.19
C ALA B 150 -6.27 -7.59 6.30
#